data_4AJ0
#
_entry.id   4AJ0
#
_cell.length_a   41.807
_cell.length_b   41.807
_cell.length_c   171.035
_cell.angle_alpha   90.00
_cell.angle_beta   90.00
_cell.angle_gamma   120.00
#
_symmetry.space_group_name_H-M   'P 31'
#
loop_
_entity.id
_entity.type
_entity.pdbx_description
1 polymer 'GERMINAL LINE LAMBDA 3 3RCW VARIANT'
2 non-polymer 2-(2-METHOXYETHOXY)ETHANOL
3 non-polymer 'ACETATE ION'
4 water water
#
_entity_poly.entity_id   1
_entity_poly.type   'polypeptide(L)'
_entity_poly.pdbx_seq_one_letter_code
;SYELTQPPSVSVSPGQTASITCSGDKLGDKYAYWYQQKPGQSPVLVIYQDSKRPSGIPERFSGSNSGNTATLTISGTQAM
DEADYYCQAADSSTAVVFGGGTKLTVL
;
_entity_poly.pdbx_strand_id   A,B,C,D
#
# COMPACT_ATOMS: atom_id res chain seq x y z
N TYR A 2 -18.56 2.20 -8.51
CA TYR A 2 -18.34 1.03 -7.66
C TYR A 2 -19.18 1.13 -6.40
N GLU A 3 -20.10 0.19 -6.22
CA GLU A 3 -20.84 0.15 -4.97
C GLU A 3 -20.18 -0.83 -4.02
N LEU A 4 -19.16 -1.54 -4.51
CA LEU A 4 -18.40 -2.45 -3.66
C LEU A 4 -16.99 -1.94 -3.49
N THR A 5 -16.46 -2.03 -2.27
N THR A 5 -16.47 -2.07 -2.27
CA THR A 5 -15.11 -1.51 -2.01
CA THR A 5 -15.13 -1.57 -1.94
C THR A 5 -14.04 -2.60 -1.93
C THR A 5 -14.06 -2.66 -1.97
N GLN A 6 -12.99 -2.44 -2.74
CA GLN A 6 -11.86 -3.36 -2.77
C GLN A 6 -10.60 -2.55 -2.50
N PRO A 7 -9.57 -3.19 -1.93
CA PRO A 7 -8.29 -2.48 -1.80
C PRO A 7 -7.74 -2.18 -3.18
N PRO A 8 -7.13 -1.00 -3.35
CA PRO A 8 -6.62 -0.64 -4.68
C PRO A 8 -5.54 -1.59 -5.14
N SER A 9 -4.77 -2.12 -4.20
N SER A 9 -4.75 -2.11 -4.20
CA SER A 9 -3.61 -2.96 -4.56
CA SER A 9 -3.65 -2.99 -4.56
C SER A 9 -3.30 -3.98 -3.48
C SER A 9 -3.39 -4.03 -3.48
N VAL A 10 -2.84 -5.15 -3.92
CA VAL A 10 -2.32 -6.15 -3.01
C VAL A 10 -0.99 -6.61 -3.59
N SER A 11 0.05 -6.64 -2.76
CA SER A 11 1.36 -7.14 -3.19
C SER A 11 1.81 -8.34 -2.36
N VAL A 12 2.37 -9.35 -3.02
CA VAL A 12 2.94 -10.50 -2.31
C VAL A 12 4.23 -10.97 -2.98
N SER A 13 5.03 -11.74 -2.26
CA SER A 13 6.18 -12.39 -2.87
C SER A 13 5.78 -13.75 -3.44
N PRO A 14 6.53 -14.24 -4.44
CA PRO A 14 6.16 -15.49 -5.10
C PRO A 14 5.94 -16.62 -4.08
N GLY A 15 4.84 -17.34 -4.23
CA GLY A 15 4.57 -18.44 -3.33
C GLY A 15 3.72 -18.11 -2.11
N GLN A 16 3.66 -16.83 -1.73
CA GLN A 16 2.83 -16.41 -0.61
C GLN A 16 1.36 -16.47 -1.03
N THR A 17 0.47 -16.44 -0.05
CA THR A 17 -0.96 -16.40 -0.32
C THR A 17 -1.42 -14.94 -0.43
N ALA A 18 -2.17 -14.62 -1.49
CA ALA A 18 -2.75 -13.29 -1.66
C ALA A 18 -4.24 -13.35 -1.35
N SER A 19 -4.75 -12.37 -0.63
CA SER A 19 -6.17 -12.29 -0.36
C SER A 19 -6.68 -10.95 -0.80
N ILE A 20 -7.82 -10.95 -1.46
CA ILE A 20 -8.45 -9.73 -1.93
C ILE A 20 -9.87 -9.67 -1.38
N THR A 21 -10.19 -8.55 -0.76
CA THR A 21 -11.51 -8.36 -0.17
C THR A 21 -12.45 -7.49 -1.02
N CYS A 22 -13.73 -7.59 -0.72
CA CYS A 22 -14.76 -6.89 -1.45
C CYS A 22 -15.88 -6.68 -0.44
N SER A 23 -16.22 -5.42 -0.16
N SER A 23 -16.22 -5.42 -0.18
CA SER A 23 -17.23 -5.14 0.87
CA SER A 23 -17.21 -5.10 0.84
C SER A 23 -18.33 -4.20 0.41
C SER A 23 -18.36 -4.25 0.34
N GLY A 24 -19.53 -4.43 0.95
CA GLY A 24 -20.69 -3.63 0.63
C GLY A 24 -21.79 -3.95 1.62
N ASP A 25 -22.79 -3.10 1.71
CA ASP A 25 -23.85 -3.33 2.70
C ASP A 25 -24.57 -4.63 2.39
N LYS A 26 -24.62 -5.51 3.39
CA LYS A 26 -25.27 -6.81 3.29
C LYS A 26 -24.81 -7.60 2.08
N LEU A 27 -23.52 -7.48 1.76
CA LEU A 27 -23.00 -8.18 0.59
C LEU A 27 -23.31 -9.67 0.68
N GLY A 28 -23.37 -10.18 1.90
CA GLY A 28 -23.58 -11.60 2.15
C GLY A 28 -24.88 -12.15 1.60
N ASP A 29 -25.85 -11.27 1.35
CA ASP A 29 -27.13 -11.73 0.77
C ASP A 29 -27.13 -11.81 -0.76
N LYS A 30 -25.97 -11.50 -1.34
CA LYS A 30 -25.78 -11.61 -2.78
C LYS A 30 -24.72 -12.65 -3.09
N TYR A 31 -24.76 -13.21 -4.29
CA TYR A 31 -23.70 -14.09 -4.75
C TYR A 31 -22.53 -13.26 -5.26
N ALA A 32 -21.34 -13.56 -4.76
CA ALA A 32 -20.11 -12.89 -5.20
C ALA A 32 -19.50 -13.65 -6.37
N TYR A 33 -19.00 -12.90 -7.35
CA TYR A 33 -18.29 -13.42 -8.51
C TYR A 33 -16.98 -12.64 -8.61
N TRP A 34 -15.92 -13.34 -8.99
CA TRP A 34 -14.57 -12.77 -9.05
C TRP A 34 -13.97 -12.98 -10.42
N TYR A 35 -13.44 -11.92 -11.01
CA TYR A 35 -12.89 -11.99 -12.35
C TYR A 35 -11.44 -11.56 -12.32
N GLN A 36 -10.59 -12.34 -12.98
CA GLN A 36 -9.21 -11.98 -13.15
C GLN A 36 -9.12 -11.30 -14.52
N GLN A 37 -8.61 -10.08 -14.54
N GLN A 37 -8.64 -10.07 -14.55
CA GLN A 37 -8.59 -9.27 -15.74
CA GLN A 37 -8.62 -9.31 -15.80
C GLN A 37 -7.17 -8.79 -16.01
C GLN A 37 -7.23 -8.75 -16.07
N LYS A 38 -6.55 -9.33 -17.06
CA LYS A 38 -5.26 -8.84 -17.49
C LYS A 38 -5.52 -7.83 -18.58
N PRO A 39 -4.89 -6.65 -18.48
CA PRO A 39 -5.18 -5.58 -19.43
C PRO A 39 -5.12 -6.10 -20.86
N GLY A 40 -6.16 -5.81 -21.64
CA GLY A 40 -6.17 -6.18 -23.04
C GLY A 40 -6.44 -7.66 -23.33
N GLN A 41 -6.77 -8.43 -22.30
CA GLN A 41 -7.13 -9.84 -22.50
C GLN A 41 -8.54 -10.10 -22.03
N SER A 42 -9.08 -11.24 -22.43
CA SER A 42 -10.41 -11.63 -21.97
C SER A 42 -10.40 -11.79 -20.46
N PRO A 43 -11.45 -11.29 -19.80
CA PRO A 43 -11.64 -11.52 -18.37
C PRO A 43 -11.80 -13.01 -18.11
N VAL A 44 -11.29 -13.48 -16.98
CA VAL A 44 -11.48 -14.87 -16.59
C VAL A 44 -12.25 -14.94 -15.27
N LEU A 45 -13.39 -15.62 -15.28
CA LEU A 45 -14.13 -15.92 -14.06
C LEU A 45 -13.39 -16.97 -13.21
N VAL A 46 -12.99 -16.59 -12.00
CA VAL A 46 -12.21 -17.53 -11.18
C VAL A 46 -13.03 -18.13 -10.05
N ILE A 47 -14.00 -17.37 -9.56
CA ILE A 47 -14.92 -17.83 -8.51
C ILE A 47 -16.33 -17.33 -8.81
N TYR A 48 -17.33 -18.20 -8.63
CA TYR A 48 -18.71 -17.78 -8.80
C TYR A 48 -19.61 -18.31 -7.67
N GLN A 49 -20.73 -17.62 -7.44
CA GLN A 49 -21.62 -17.97 -6.36
C GLN A 49 -20.81 -18.20 -5.07
N ASP A 50 -20.03 -17.17 -4.74
CA ASP A 50 -19.27 -17.07 -3.50
C ASP A 50 -18.01 -17.90 -3.46
N SER A 51 -18.10 -19.18 -3.83
CA SER A 51 -17.02 -20.11 -3.53
C SER A 51 -16.79 -21.19 -4.59
N LYS A 52 -17.57 -21.16 -5.67
CA LYS A 52 -17.47 -22.22 -6.66
C LYS A 52 -16.39 -21.93 -7.68
N ARG A 53 -15.62 -22.96 -8.00
N ARG A 53 -15.62 -22.96 -8.01
CA ARG A 53 -14.58 -22.88 -9.02
CA ARG A 53 -14.56 -22.87 -9.01
C ARG A 53 -15.08 -23.45 -10.34
C ARG A 53 -15.03 -23.45 -10.34
N PRO A 54 -14.98 -22.64 -11.41
CA PRO A 54 -15.32 -23.18 -12.73
C PRO A 54 -14.30 -24.24 -13.11
N SER A 55 -14.65 -25.10 -14.07
N SER A 55 -14.65 -25.10 -14.07
CA SER A 55 -13.71 -26.11 -14.55
CA SER A 55 -13.70 -26.10 -14.54
C SER A 55 -12.48 -25.43 -15.16
C SER A 55 -12.48 -25.40 -15.13
N GLY A 56 -11.31 -25.90 -14.79
CA GLY A 56 -10.07 -25.35 -15.32
C GLY A 56 -9.44 -24.33 -14.40
N ILE A 57 -10.17 -23.95 -13.36
CA ILE A 57 -9.61 -23.08 -12.32
C ILE A 57 -9.15 -23.94 -11.14
N PRO A 58 -7.85 -23.87 -10.83
CA PRO A 58 -7.10 -24.64 -9.83
C PRO A 58 -7.61 -24.45 -8.41
N GLU A 59 -7.37 -25.45 -7.56
CA GLU A 59 -7.81 -25.40 -6.17
C GLU A 59 -7.14 -24.26 -5.39
N ARG A 60 -6.08 -23.70 -5.99
CA ARG A 60 -5.35 -22.51 -5.50
C ARG A 60 -6.26 -21.31 -5.23
N PHE A 61 -7.32 -21.21 -6.02
CA PHE A 61 -8.28 -20.11 -5.94
C PHE A 61 -9.46 -20.55 -5.08
N SER A 62 -9.82 -19.73 -4.11
CA SER A 62 -10.96 -20.03 -3.26
C SER A 62 -11.65 -18.73 -2.89
N GLY A 63 -12.92 -18.83 -2.51
CA GLY A 63 -13.65 -17.62 -2.16
C GLY A 63 -14.66 -17.90 -1.07
N SER A 64 -15.11 -16.85 -0.41
CA SER A 64 -16.19 -16.97 0.57
C SER A 64 -16.86 -15.61 0.67
N ASN A 65 -18.06 -15.60 1.21
CA ASN A 65 -18.86 -14.38 1.32
C ASN A 65 -19.64 -14.44 2.62
N SER A 66 -19.27 -13.61 3.58
CA SER A 66 -19.94 -13.63 4.88
C SER A 66 -20.14 -12.23 5.42
N GLY A 67 -21.33 -11.94 5.94
CA GLY A 67 -21.60 -10.61 6.48
C GLY A 67 -21.50 -9.56 5.39
N ASN A 68 -20.61 -8.60 5.56
CA ASN A 68 -20.50 -7.53 4.57
C ASN A 68 -19.27 -7.65 3.68
N THR A 69 -18.59 -8.78 3.73
CA THR A 69 -17.34 -8.91 3.00
C THR A 69 -17.19 -10.24 2.29
N ALA A 70 -16.76 -10.16 1.03
CA ALA A 70 -16.43 -11.33 0.23
C ALA A 70 -14.92 -11.33 0.05
N THR A 71 -14.29 -12.51 0.12
CA THR A 71 -12.83 -12.60 0.05
C THR A 71 -12.37 -13.67 -0.92
N LEU A 72 -11.47 -13.30 -1.83
CA LEU A 72 -10.87 -14.20 -2.79
C LEU A 72 -9.47 -14.48 -2.27
N THR A 73 -9.10 -15.76 -2.21
CA THR A 73 -7.77 -16.12 -1.75
C THR A 73 -7.07 -16.89 -2.86
N ILE A 74 -5.78 -16.60 -3.03
CA ILE A 74 -4.97 -17.25 -4.06
C ILE A 74 -3.72 -17.76 -3.37
N SER A 75 -3.60 -19.07 -3.20
CA SER A 75 -2.40 -19.60 -2.59
C SER A 75 -1.35 -19.83 -3.65
N GLY A 76 -0.09 -19.91 -3.23
CA GLY A 76 1.01 -20.24 -4.11
C GLY A 76 1.09 -19.32 -5.30
N THR A 77 1.02 -18.02 -5.03
CA THR A 77 0.88 -17.04 -6.09
C THR A 77 2.11 -17.10 -7.01
N GLN A 78 1.87 -17.00 -8.32
CA GLN A 78 2.95 -16.93 -9.30
C GLN A 78 2.83 -15.67 -10.15
N ALA A 79 3.84 -15.42 -10.97
CA ALA A 79 3.82 -14.21 -11.79
C ALA A 79 2.59 -14.14 -12.67
N MET A 80 2.13 -15.29 -13.17
CA MET A 80 1.00 -15.32 -14.07
C MET A 80 -0.31 -15.00 -13.35
N ASP A 81 -0.25 -14.82 -12.04
CA ASP A 81 -1.42 -14.36 -11.29
C ASP A 81 -1.56 -12.84 -11.29
N GLU A 82 -0.53 -12.14 -11.75
CA GLU A 82 -0.60 -10.69 -11.80
C GLU A 82 -1.68 -10.22 -12.76
N ALA A 83 -2.58 -9.40 -12.26
CA ALA A 83 -3.74 -8.96 -13.01
C ALA A 83 -4.55 -8.02 -12.13
N ASP A 84 -5.59 -7.43 -12.71
CA ASP A 84 -6.59 -6.73 -11.92
C ASP A 84 -7.67 -7.74 -11.57
N TYR A 85 -8.11 -7.74 -10.31
CA TYR A 85 -9.18 -8.63 -9.91
C TYR A 85 -10.40 -7.80 -9.53
N TYR A 86 -11.56 -8.16 -10.08
CA TYR A 86 -12.80 -7.44 -9.84
C TYR A 86 -13.84 -8.34 -9.20
N CYS A 87 -14.49 -7.85 -8.14
N CYS A 87 -14.53 -7.80 -8.20
CA CYS A 87 -15.65 -8.55 -7.60
CA CYS A 87 -15.64 -8.47 -7.55
C CYS A 87 -16.93 -7.93 -8.14
C CYS A 87 -16.97 -7.89 -8.03
N GLN A 88 -17.99 -8.74 -8.14
CA GLN A 88 -19.33 -8.27 -8.49
C GLN A 88 -20.28 -9.03 -7.60
N ALA A 89 -21.43 -8.44 -7.32
CA ALA A 89 -22.44 -9.12 -6.53
C ALA A 89 -23.70 -9.22 -7.35
N ALA A 90 -24.25 -10.43 -7.44
CA ALA A 90 -25.50 -10.64 -8.16
C ALA A 90 -26.59 -11.16 -7.25
N ASP A 91 -27.83 -10.98 -7.66
CA ASP A 91 -28.94 -11.75 -7.09
C ASP A 91 -30.05 -11.98 -8.09
N SER A 92 -30.47 -10.92 -8.78
CA SER A 92 -31.69 -10.95 -9.59
C SER A 92 -32.86 -11.30 -8.67
N SER A 93 -33.89 -10.46 -8.65
CA SER A 93 -34.15 -9.45 -9.69
C SER A 93 -33.14 -8.31 -9.89
N THR A 94 -31.98 -8.36 -9.23
CA THR A 94 -30.82 -7.60 -9.69
C THR A 94 -30.83 -6.11 -9.26
N ALA A 95 -29.89 -5.27 -9.70
CA ALA A 95 -28.86 -5.55 -10.72
C ALA A 95 -27.46 -5.76 -10.17
N VAL A 96 -26.58 -6.31 -11.01
CA VAL A 96 -25.21 -6.53 -10.59
C VAL A 96 -24.62 -5.22 -10.07
N VAL A 97 -23.92 -5.31 -8.93
CA VAL A 97 -23.14 -4.19 -8.42
C VAL A 97 -21.67 -4.61 -8.51
N PHE A 98 -20.80 -3.63 -8.74
CA PHE A 98 -19.40 -3.90 -9.07
C PHE A 98 -18.42 -3.30 -8.07
N GLY A 99 -17.29 -3.98 -7.90
CA GLY A 99 -16.16 -3.44 -7.17
C GLY A 99 -15.22 -2.67 -8.10
N GLY A 100 -14.32 -1.91 -7.49
CA GLY A 100 -13.46 -0.97 -8.22
C GLY A 100 -12.21 -1.60 -8.79
N GLY A 101 -11.95 -2.83 -8.37
CA GLY A 101 -10.78 -3.57 -8.83
C GLY A 101 -9.59 -3.49 -7.90
N THR A 102 -8.81 -4.57 -7.89
CA THR A 102 -7.56 -4.65 -7.12
C THR A 102 -6.43 -5.12 -8.02
N LYS A 103 -5.35 -4.33 -8.08
CA LYS A 103 -4.13 -4.68 -8.79
C LYS A 103 -3.34 -5.65 -7.94
N LEU A 104 -3.13 -6.87 -8.41
CA LEU A 104 -2.28 -7.81 -7.71
C LEU A 104 -0.88 -7.79 -8.32
N THR A 105 0.12 -7.49 -7.51
CA THR A 105 1.50 -7.53 -7.96
C THR A 105 2.24 -8.66 -7.26
N VAL A 106 2.98 -9.47 -8.00
CA VAL A 106 3.83 -10.48 -7.39
C VAL A 106 5.28 -10.01 -7.44
N LEU A 107 5.80 -9.57 -6.29
CA LEU A 107 7.12 -8.96 -6.20
C LEU A 107 8.22 -10.02 -6.12
N SER B 1 9.18 -1.91 -17.35
CA SER B 1 8.91 -2.37 -15.98
C SER B 1 10.19 -2.73 -15.24
N TYR B 2 11.24 -3.03 -15.99
CA TYR B 2 12.36 -3.76 -15.42
C TYR B 2 13.47 -2.91 -14.79
N GLU B 3 14.09 -2.05 -15.59
CA GLU B 3 15.32 -1.38 -15.17
C GLU B 3 15.16 -0.48 -13.94
N LEU B 4 14.02 0.20 -13.84
CA LEU B 4 13.76 1.12 -12.73
C LEU B 4 12.64 0.61 -11.84
N THR B 5 12.75 0.78 -10.53
N THR B 5 12.75 0.86 -10.54
CA THR B 5 11.72 0.25 -9.62
CA THR B 5 11.80 0.39 -9.53
C THR B 5 10.86 1.34 -8.97
C THR B 5 10.84 1.46 -9.08
N GLN B 6 9.55 1.14 -9.07
CA GLN B 6 8.54 2.04 -8.53
C GLN B 6 7.64 1.24 -7.60
N PRO B 7 7.02 1.91 -6.61
CA PRO B 7 6.03 1.22 -5.77
C PRO B 7 4.83 0.83 -6.60
N PRO B 8 4.24 -0.34 -6.33
CA PRO B 8 3.10 -0.76 -7.15
C PRO B 8 1.91 0.18 -7.05
N SER B 9 1.79 0.86 -5.91
N SER B 9 1.80 0.88 -5.92
CA SER B 9 0.58 1.61 -5.58
CA SER B 9 0.61 1.67 -5.66
C SER B 9 0.83 2.70 -4.56
C SER B 9 0.86 2.72 -4.59
N VAL B 10 0.11 3.81 -4.71
CA VAL B 10 0.16 4.90 -3.74
C VAL B 10 -1.27 5.38 -3.59
N SER B 11 -1.71 5.54 -2.34
CA SER B 11 -3.04 6.06 -2.08
C SER B 11 -2.94 7.34 -1.28
N VAL B 12 -3.79 8.30 -1.64
CA VAL B 12 -3.86 9.56 -0.92
C VAL B 12 -5.28 10.04 -0.80
N SER B 13 -5.54 10.85 0.22
CA SER B 13 -6.81 11.52 0.39
C SER B 13 -6.80 12.82 -0.41
N PRO B 14 -7.93 13.14 -1.06
CA PRO B 14 -8.05 14.32 -1.92
C PRO B 14 -7.55 15.55 -1.20
N GLY B 15 -6.73 16.35 -1.89
CA GLY B 15 -6.16 17.55 -1.30
C GLY B 15 -4.83 17.29 -0.65
N GLN B 16 -4.53 16.02 -0.33
CA GLN B 16 -3.23 15.67 0.22
C GLN B 16 -2.16 15.55 -0.88
N THR B 17 -0.91 15.65 -0.47
CA THR B 17 0.19 15.50 -1.40
C THR B 17 0.64 14.04 -1.54
N ALA B 18 0.71 13.56 -2.77
CA ALA B 18 1.23 12.22 -3.06
C ALA B 18 2.59 12.34 -3.69
N SER B 19 3.48 11.38 -3.41
CA SER B 19 4.74 11.30 -4.14
C SER B 19 4.97 9.90 -4.70
N ILE B 20 5.51 9.85 -5.90
CA ILE B 20 5.80 8.55 -6.52
C ILE B 20 7.29 8.47 -6.75
N THR B 21 7.90 7.34 -6.40
CA THR B 21 9.36 7.23 -6.49
C THR B 21 9.75 6.30 -7.63
N CYS B 22 10.99 6.43 -8.06
CA CYS B 22 11.50 5.65 -9.18
C CYS B 22 13.00 5.58 -8.94
N SER B 23 13.52 4.36 -8.83
N SER B 23 13.52 4.36 -8.80
CA SER B 23 14.94 4.20 -8.49
CA SER B 23 14.93 4.18 -8.48
C SER B 23 15.65 3.19 -9.40
C SER B 23 15.64 3.21 -9.43
N GLY B 24 16.95 3.42 -9.59
CA GLY B 24 17.75 2.57 -10.45
C GLY B 24 19.17 3.07 -10.43
N ASP B 25 20.10 2.23 -10.85
CA ASP B 25 21.51 2.61 -10.81
C ASP B 25 21.79 3.84 -11.67
N LYS B 26 22.54 4.78 -11.09
CA LYS B 26 23.02 5.96 -11.81
C LYS B 26 21.92 6.91 -12.24
N LEU B 27 20.67 6.62 -11.86
CA LEU B 27 19.52 7.41 -12.31
C LEU B 27 19.75 8.91 -12.33
N GLY B 28 20.41 9.43 -11.29
CA GLY B 28 20.65 10.85 -11.15
C GLY B 28 21.58 11.42 -12.22
N ASP B 29 22.30 10.53 -12.90
CA ASP B 29 23.08 10.94 -14.05
C ASP B 29 22.24 10.99 -15.33
N LYS B 30 21.03 10.43 -15.28
CA LYS B 30 20.12 10.47 -16.42
C LYS B 30 19.07 11.56 -16.23
N TYR B 31 18.23 11.73 -17.26
CA TYR B 31 17.12 12.68 -17.18
C TYR B 31 15.80 11.92 -17.04
N ALA B 32 15.06 12.20 -15.98
CA ALA B 32 13.81 11.50 -15.72
C ALA B 32 12.60 12.13 -16.43
N TYR B 33 11.71 11.26 -16.92
CA TYR B 33 10.50 11.70 -17.57
C TYR B 33 9.35 10.96 -16.91
N TRP B 34 8.24 11.66 -16.65
CA TRP B 34 7.09 11.04 -15.99
C TRP B 34 5.85 11.12 -16.86
N TYR B 35 5.15 9.99 -16.98
CA TYR B 35 3.91 9.92 -17.75
C TYR B 35 2.74 9.47 -16.89
N GLN B 36 1.63 10.17 -17.07
CA GLN B 36 0.36 9.85 -16.47
C GLN B 36 -0.42 9.06 -17.51
N GLN B 37 -0.80 7.85 -17.16
N GLN B 37 -0.80 7.83 -17.20
CA GLN B 37 -1.46 6.94 -18.08
CA GLN B 37 -1.47 6.98 -18.18
C GLN B 37 -2.78 6.46 -17.48
C GLN B 37 -2.74 6.36 -17.64
N LYS B 38 -3.89 6.91 -18.05
CA LYS B 38 -5.19 6.36 -17.66
C LYS B 38 -5.52 5.26 -18.67
N PRO B 39 -6.10 4.14 -18.20
CA PRO B 39 -6.36 3.04 -19.11
C PRO B 39 -7.18 3.49 -20.32
N GLY B 40 -6.77 3.03 -21.50
CA GLY B 40 -7.45 3.38 -22.74
C GLY B 40 -7.29 4.82 -23.20
N GLN B 41 -6.43 5.59 -22.55
CA GLN B 41 -6.23 6.98 -22.95
C GLN B 41 -4.78 7.24 -23.33
N SER B 42 -4.55 8.33 -24.05
CA SER B 42 -3.20 8.71 -24.40
C SER B 42 -2.38 8.98 -23.15
N PRO B 43 -1.11 8.54 -23.14
CA PRO B 43 -0.24 8.88 -22.02
C PRO B 43 0.04 10.38 -22.05
N VAL B 44 0.16 11.00 -20.89
CA VAL B 44 0.42 12.43 -20.84
C VAL B 44 1.74 12.65 -20.14
N LEU B 45 2.66 13.30 -20.84
CA LEU B 45 3.92 13.68 -20.24
C LEU B 45 3.66 14.80 -19.23
N VAL B 46 3.97 14.55 -17.96
CA VAL B 46 3.72 15.54 -16.91
C VAL B 46 4.99 16.23 -16.40
N ILE B 47 6.11 15.52 -16.45
CA ILE B 47 7.41 16.09 -16.09
C ILE B 47 8.46 15.57 -17.06
N TYR B 48 9.32 16.45 -17.58
CA TYR B 48 10.43 16.01 -18.43
C TYR B 48 11.72 16.64 -17.96
N GLN B 49 12.86 16.03 -18.31
CA GLN B 49 14.16 16.52 -17.88
C GLN B 49 14.17 16.78 -16.38
N ASP B 50 13.76 15.77 -15.62
CA ASP B 50 13.76 15.77 -14.16
C ASP B 50 12.66 16.61 -13.51
N SER B 51 12.48 17.84 -13.97
N SER B 51 12.51 17.86 -13.97
CA SER B 51 11.68 18.78 -13.19
CA SER B 51 11.76 18.85 -13.19
C SER B 51 10.87 19.81 -13.98
C SER B 51 10.84 19.78 -13.97
N LYS B 52 10.81 19.65 -15.30
CA LYS B 52 10.09 20.60 -16.13
C LYS B 52 8.67 20.14 -16.48
N ARG B 53 7.73 21.08 -16.41
N ARG B 53 7.72 21.07 -16.42
CA ARG B 53 6.35 20.83 -16.79
CA ARG B 53 6.35 20.76 -16.79
C ARG B 53 6.08 21.31 -18.22
C ARG B 53 6.02 21.31 -18.18
N PRO B 54 5.49 20.44 -19.06
CA PRO B 54 5.00 20.88 -20.37
C PRO B 54 3.87 21.88 -20.18
N SER B 55 3.67 22.76 -21.14
N SER B 55 3.67 22.76 -21.15
CA SER B 55 2.57 23.72 -21.05
CA SER B 55 2.56 23.70 -21.08
C SER B 55 1.26 22.97 -20.94
C SER B 55 1.28 22.91 -20.88
N GLY B 56 0.40 23.41 -20.03
CA GLY B 56 -0.88 22.77 -19.80
C GLY B 56 -0.89 21.86 -18.58
N ILE B 57 0.29 21.56 -18.05
CA ILE B 57 0.39 20.74 -16.85
C ILE B 57 0.47 21.63 -15.63
N PRO B 58 -0.43 21.41 -14.64
CA PRO B 58 -0.54 22.25 -13.44
C PRO B 58 0.72 22.29 -12.58
N GLU B 59 0.92 23.40 -11.88
N GLU B 59 0.91 23.42 -11.90
CA GLU B 59 2.02 23.56 -10.94
CA GLU B 59 2.05 23.67 -11.06
C GLU B 59 1.95 22.54 -9.79
C GLU B 59 2.14 22.68 -9.88
N ARG B 60 0.82 21.86 -9.67
N ARG B 60 1.03 22.01 -9.59
CA ARG B 60 0.64 20.83 -8.64
CA ARG B 60 0.98 21.04 -8.50
C ARG B 60 1.66 19.71 -8.83
C ARG B 60 1.82 19.80 -8.79
N PHE B 61 2.14 19.57 -10.06
CA PHE B 61 3.06 18.50 -10.43
C PHE B 61 4.49 19.00 -10.38
N SER B 62 5.34 18.31 -9.62
CA SER B 62 6.75 18.69 -9.62
C SER B 62 7.61 17.42 -9.56
N GLY B 63 8.87 17.56 -9.96
CA GLY B 63 9.78 16.42 -9.98
C GLY B 63 11.19 16.79 -9.59
N SER B 64 11.92 15.77 -9.14
CA SER B 64 13.34 15.91 -8.80
C SER B 64 14.05 14.61 -9.11
N ASN B 65 15.36 14.70 -9.24
CA ASN B 65 16.17 13.52 -9.53
C ASN B 65 17.57 13.71 -8.98
N SER B 66 17.97 12.83 -8.08
N SER B 66 17.98 12.80 -8.12
CA SER B 66 19.29 12.90 -7.46
CA SER B 66 19.30 12.89 -7.50
C SER B 66 19.77 11.54 -6.98
C SER B 66 19.76 11.53 -7.02
N GLY B 67 21.05 11.25 -7.17
CA GLY B 67 21.61 9.98 -6.77
C GLY B 67 20.99 8.82 -7.54
N ASN B 68 20.26 7.98 -6.83
CA ASN B 68 19.65 6.80 -7.45
C ASN B 68 18.14 6.89 -7.53
N THR B 69 17.57 8.05 -7.21
CA THR B 69 16.11 8.13 -7.10
C THR B 69 15.52 9.40 -7.71
N ALA B 70 14.50 9.23 -8.54
CA ALA B 70 13.73 10.35 -9.05
C ALA B 70 12.36 10.34 -8.38
N THR B 71 11.78 11.51 -8.16
CA THR B 71 10.53 11.59 -7.42
C THR B 71 9.56 12.52 -8.13
N LEU B 72 8.31 12.07 -8.28
CA LEU B 72 7.22 12.89 -8.79
C LEU B 72 6.31 13.24 -7.62
N THR B 73 6.06 14.54 -7.43
CA THR B 73 5.20 14.98 -6.34
C THR B 73 3.97 15.69 -6.87
N ILE B 74 2.80 15.31 -6.34
CA ILE B 74 1.54 15.89 -6.78
C ILE B 74 0.83 16.48 -5.57
N SER B 75 0.77 17.80 -5.50
CA SER B 75 0.04 18.45 -4.41
C SER B 75 -1.42 18.60 -4.78
N GLY B 76 -2.26 18.83 -3.78
CA GLY B 76 -3.67 19.11 -4.02
C GLY B 76 -4.30 18.05 -4.88
N THR B 77 -4.03 16.80 -4.54
N THR B 77 -4.03 16.79 -4.55
CA THR B 77 -4.54 15.68 -5.32
CA THR B 77 -4.50 15.68 -5.36
C THR B 77 -6.04 15.71 -5.50
C THR B 77 -6.02 15.64 -5.48
N GLN B 78 -6.49 15.29 -6.67
CA GLN B 78 -7.91 15.26 -6.98
C GLN B 78 -8.23 13.99 -7.76
N ALA B 79 -9.51 13.66 -7.85
CA ALA B 79 -9.94 12.45 -8.53
C ALA B 79 -9.35 12.37 -9.94
N MET B 80 -9.21 13.52 -10.60
CA MET B 80 -8.67 13.59 -11.96
C MET B 80 -7.26 13.03 -12.06
N ASP B 81 -6.56 13.00 -10.93
CA ASP B 81 -5.17 12.58 -10.90
C ASP B 81 -5.03 11.07 -10.89
N GLU B 82 -6.15 10.38 -10.68
CA GLU B 82 -6.12 8.93 -10.58
C GLU B 82 -5.65 8.34 -11.90
N ALA B 83 -4.55 7.59 -11.85
CA ALA B 83 -3.94 7.05 -13.05
C ALA B 83 -2.76 6.17 -12.69
N ASP B 84 -2.17 5.54 -13.69
CA ASP B 84 -0.89 4.86 -13.52
C ASP B 84 0.19 5.87 -13.89
N TYR B 85 1.23 5.96 -13.07
CA TYR B 85 2.31 6.89 -13.39
C TYR B 85 3.56 6.11 -13.70
N TYR B 86 4.18 6.44 -14.84
CA TYR B 86 5.36 5.70 -15.26
C TYR B 86 6.56 6.61 -15.33
N CYS B 87 7.68 6.19 -14.75
N CYS B 87 7.69 6.12 -14.83
CA CYS B 87 8.92 6.93 -14.95
CA CYS B 87 8.96 6.83 -14.86
C CYS B 87 9.75 6.26 -16.04
C CYS B 87 9.90 6.23 -15.92
N GLN B 88 10.54 7.07 -16.72
CA GLN B 88 11.51 6.60 -17.70
C GLN B 88 12.73 7.48 -17.51
N ALA B 89 13.91 6.93 -17.76
CA ALA B 89 15.13 7.72 -17.66
C ALA B 89 15.87 7.70 -18.99
N ALA B 90 16.24 8.88 -19.49
CA ALA B 90 16.92 8.98 -20.77
C ALA B 90 18.32 9.51 -20.59
N ASP B 91 19.30 8.91 -21.27
CA ASP B 91 20.65 9.47 -21.20
C ASP B 91 20.97 10.28 -22.46
N SER B 92 22.19 10.81 -22.55
CA SER B 92 22.57 11.66 -23.66
C SER B 92 22.20 11.03 -25.01
N SER B 93 22.70 9.82 -25.27
CA SER B 93 22.34 9.10 -26.49
C SER B 93 20.84 8.95 -26.54
N THR B 94 20.39 7.74 -26.25
CA THR B 94 19.01 7.50 -25.87
C THR B 94 18.99 6.22 -25.04
N ALA B 95 18.97 6.40 -23.74
CA ALA B 95 19.03 5.26 -22.85
C ALA B 95 17.68 4.53 -22.85
N VAL B 96 16.62 5.32 -22.87
CA VAL B 96 15.40 4.95 -22.18
C VAL B 96 15.41 3.61 -21.41
N VAL B 97 15.44 3.74 -20.09
CA VAL B 97 15.16 2.65 -19.19
C VAL B 97 13.83 3.00 -18.52
N PHE B 98 13.09 1.96 -18.12
CA PHE B 98 11.70 2.15 -17.73
C PHE B 98 11.40 1.65 -16.33
N GLY B 99 10.47 2.32 -15.65
CA GLY B 99 9.93 1.80 -14.41
C GLY B 99 8.67 1.00 -14.70
N GLY B 100 8.23 0.21 -13.74
CA GLY B 100 7.08 -0.64 -13.92
C GLY B 100 5.72 0.00 -13.69
N GLY B 101 5.72 1.26 -13.28
CA GLY B 101 4.47 1.97 -13.06
C GLY B 101 3.95 1.92 -11.64
N THR B 102 3.26 2.98 -11.26
CA THR B 102 2.61 3.11 -9.95
C THR B 102 1.15 3.51 -10.12
N LYS B 103 0.24 2.74 -9.52
CA LYS B 103 -1.18 3.07 -9.53
C LYS B 103 -1.45 4.07 -8.42
N LEU B 104 -1.88 5.27 -8.81
CA LEU B 104 -2.30 6.28 -7.84
C LEU B 104 -3.80 6.26 -7.66
N THR B 105 -4.24 6.01 -6.43
N THR B 105 -4.23 6.03 -6.42
CA THR B 105 -5.67 6.05 -6.13
CA THR B 105 -5.64 6.04 -6.08
C THR B 105 -5.95 7.18 -5.17
C THR B 105 -5.90 7.24 -5.20
N VAL B 106 -6.95 7.99 -5.51
CA VAL B 106 -7.36 9.10 -4.68
C VAL B 106 -8.52 8.63 -3.83
N LEU B 107 -8.27 8.61 -2.52
CA LEU B 107 -9.21 8.23 -1.45
C LEU B 107 -8.62 7.19 -0.48
N TYR C 2 4.63 -14.36 12.34
CA TYR C 2 5.17 -14.85 11.08
C TYR C 2 4.34 -16.00 10.50
N GLU C 3 3.77 -16.84 11.38
CA GLU C 3 3.01 -18.00 10.93
C GLU C 3 1.83 -17.62 10.02
N LEU C 4 1.14 -16.53 10.34
CA LEU C 4 0.05 -16.04 9.49
C LEU C 4 0.45 -14.77 8.74
N THR C 5 -0.08 -14.57 7.54
N THR C 5 -0.14 -14.57 7.57
CA THR C 5 0.30 -13.39 6.77
CA THR C 5 0.23 -13.43 6.72
C THR C 5 -0.81 -12.37 6.59
C THR C 5 -0.86 -12.37 6.63
N GLN C 6 -0.46 -11.12 6.86
CA GLN C 6 -1.36 -9.99 6.76
C GLN C 6 -0.72 -8.97 5.83
N PRO C 7 -1.53 -8.14 5.19
CA PRO C 7 -0.94 -7.05 4.41
C PRO C 7 -0.24 -6.06 5.34
N PRO C 8 0.86 -5.45 4.88
CA PRO C 8 1.59 -4.52 5.74
C PRO C 8 0.74 -3.34 6.17
N SER C 9 -0.14 -2.87 5.29
N SER C 9 -0.15 -2.89 5.30
CA SER C 9 -0.85 -1.63 5.54
CA SER C 9 -0.90 -1.69 5.59
C SER C 9 -2.15 -1.49 4.74
C SER C 9 -2.21 -1.64 4.82
N VAL C 10 -3.14 -0.84 5.34
CA VAL C 10 -4.37 -0.52 4.66
C VAL C 10 -4.64 0.96 4.94
N SER C 11 -4.98 1.70 3.90
CA SER C 11 -5.30 3.12 4.06
C SER C 11 -6.71 3.39 3.56
N VAL C 12 -7.49 4.12 4.36
CA VAL C 12 -8.83 4.51 3.92
C VAL C 12 -9.13 5.93 4.36
N SER C 13 -10.11 6.56 3.71
CA SER C 13 -10.66 7.84 4.13
C SER C 13 -11.73 7.64 5.19
N PRO C 14 -11.87 8.61 6.10
CA PRO C 14 -12.94 8.48 7.09
C PRO C 14 -14.29 8.19 6.44
N GLY C 15 -14.99 7.21 7.00
CA GLY C 15 -16.31 6.85 6.53
C GLY C 15 -16.30 5.65 5.60
N GLN C 16 -15.13 5.34 5.04
N GLN C 16 -15.12 5.33 5.07
CA GLN C 16 -15.02 4.21 4.13
CA GLN C 16 -14.96 4.21 4.13
C GLN C 16 -14.88 2.91 4.89
C GLN C 16 -14.70 2.90 4.84
N THR C 17 -15.02 1.79 4.19
CA THR C 17 -14.89 0.47 4.79
C THR C 17 -13.48 -0.06 4.60
N ALA C 18 -12.83 -0.46 5.70
CA ALA C 18 -11.52 -1.09 5.59
C ALA C 18 -11.64 -2.58 5.89
N SER C 19 -10.85 -3.39 5.21
N SER C 19 -10.85 -3.41 5.23
CA SER C 19 -10.79 -4.81 5.55
CA SER C 19 -10.85 -4.84 5.54
C SER C 19 -9.34 -5.22 5.68
C SER C 19 -9.42 -5.38 5.56
N ILE C 20 -9.08 -6.13 6.60
CA ILE C 20 -7.73 -6.63 6.82
C ILE C 20 -7.76 -8.15 6.75
N THR C 21 -6.84 -8.73 6.00
CA THR C 21 -6.83 -10.18 5.80
C THR C 21 -5.72 -10.85 6.62
N CYS C 22 -5.88 -12.16 6.80
CA CYS C 22 -4.99 -12.95 7.63
C CYS C 22 -5.04 -14.34 7.03
N SER C 23 -3.91 -14.84 6.54
N SER C 23 -3.90 -14.81 6.52
CA SER C 23 -3.90 -16.12 5.85
CA SER C 23 -3.87 -16.11 5.83
C SER C 23 -2.84 -17.10 6.34
C SER C 23 -2.86 -17.09 6.42
N GLY C 24 -3.18 -18.38 6.33
CA GLY C 24 -2.28 -19.43 6.75
C GLY C 24 -2.91 -20.74 6.32
N ASP C 25 -2.10 -21.78 6.14
CA ASP C 25 -2.68 -23.05 5.74
C ASP C 25 -3.72 -23.53 6.75
N LYS C 26 -4.91 -23.87 6.23
CA LYS C 26 -6.03 -24.39 7.01
C LYS C 26 -6.48 -23.46 8.12
N LEU C 27 -6.18 -22.17 8.00
CA LEU C 27 -6.60 -21.20 9.02
C LEU C 27 -8.09 -21.30 9.33
N GLY C 28 -8.88 -21.55 8.29
CA GLY C 28 -10.32 -21.63 8.41
C GLY C 28 -10.81 -22.71 9.38
N ASP C 29 -9.98 -23.72 9.63
CA ASP C 29 -10.33 -24.78 10.58
C ASP C 29 -10.03 -24.41 12.04
N LYS C 30 -9.43 -23.24 12.24
CA LYS C 30 -9.16 -22.74 13.58
C LYS C 30 -10.08 -21.56 13.91
N TYR C 31 -10.03 -21.10 15.15
CA TYR C 31 -10.66 -19.83 15.53
C TYR C 31 -9.70 -18.66 15.32
N ALA C 32 -10.17 -17.63 14.62
CA ALA C 32 -9.42 -16.38 14.44
C ALA C 32 -9.76 -15.38 15.53
N TYR C 33 -8.74 -14.68 16.03
CA TYR C 33 -8.93 -13.60 17.00
C TYR C 33 -8.22 -12.37 16.46
N TRP C 34 -8.82 -11.20 16.67
CA TRP C 34 -8.27 -9.93 16.15
C TRP C 34 -8.02 -8.93 17.26
N TYR C 35 -6.79 -8.41 17.31
CA TYR C 35 -6.44 -7.40 18.29
C TYR C 35 -6.10 -6.06 17.66
N GLN C 36 -6.65 -5.00 18.25
CA GLN C 36 -6.36 -3.63 17.86
C GLN C 36 -5.29 -3.16 18.85
N GLN C 37 -4.21 -2.60 18.32
N GLN C 37 -4.19 -2.61 18.35
CA GLN C 37 -3.11 -2.16 19.15
CA GLN C 37 -3.11 -2.19 19.24
C GLN C 37 -2.63 -0.81 18.69
C GLN C 37 -2.49 -0.87 18.81
N LYS C 38 -2.79 0.19 19.56
CA LYS C 38 -2.16 1.48 19.32
C LYS C 38 -0.88 1.48 20.12
N PRO C 39 0.20 2.00 19.53
CA PRO C 39 1.49 1.97 20.21
C PRO C 39 1.40 2.56 21.62
N GLY C 40 1.91 1.84 22.60
CA GLY C 40 1.99 2.34 23.96
C GLY C 40 0.73 2.14 24.79
N GLN C 41 -0.24 1.43 24.22
CA GLN C 41 -1.51 1.17 24.89
C GLN C 41 -1.79 -0.32 24.97
N SER C 42 -2.67 -0.72 25.87
CA SER C 42 -3.13 -2.09 25.91
C SER C 42 -3.75 -2.51 24.59
N PRO C 43 -3.44 -3.73 24.15
CA PRO C 43 -4.16 -4.28 23.00
C PRO C 43 -5.64 -4.42 23.38
N VAL C 44 -6.50 -4.33 22.38
CA VAL C 44 -7.94 -4.50 22.58
C VAL C 44 -8.42 -5.61 21.66
N LEU C 45 -9.04 -6.64 22.24
CA LEU C 45 -9.69 -7.72 21.48
C LEU C 45 -10.95 -7.14 20.83
N VAL C 46 -10.99 -7.15 19.50
CA VAL C 46 -12.12 -6.57 18.77
C VAL C 46 -13.05 -7.62 18.18
N ILE C 47 -12.47 -8.77 17.80
CA ILE C 47 -13.26 -9.90 17.30
C ILE C 47 -12.64 -11.19 17.81
N TYR C 48 -13.48 -12.10 18.31
CA TYR C 48 -12.96 -13.40 18.75
C TYR C 48 -13.78 -14.54 18.14
N GLN C 49 -13.16 -15.73 18.05
CA GLN C 49 -13.81 -16.88 17.45
C GLN C 49 -14.42 -16.55 16.08
N ASP C 50 -13.59 -15.93 15.26
CA ASP C 50 -13.90 -15.62 13.85
C ASP C 50 -14.74 -14.37 13.67
N SER C 51 -15.86 -14.29 14.39
N SER C 51 -15.87 -14.29 14.37
CA SER C 51 -16.87 -13.30 14.08
CA SER C 51 -16.88 -13.30 14.07
C SER C 51 -17.54 -12.68 15.30
C SER C 51 -17.52 -12.67 15.30
N LYS C 52 -17.19 -13.18 16.48
CA LYS C 52 -17.86 -12.73 17.69
C LYS C 52 -17.30 -11.42 18.21
N ARG C 53 -18.20 -10.53 18.61
N ARG C 53 -18.19 -10.56 18.69
CA ARG C 53 -17.82 -9.20 19.07
CA ARG C 53 -17.83 -9.21 19.07
C ARG C 53 -17.96 -9.11 20.58
C ARG C 53 -17.99 -8.98 20.55
N PRO C 54 -16.88 -8.72 21.26
CA PRO C 54 -16.96 -8.39 22.68
C PRO C 54 -17.88 -7.19 22.91
N SER C 55 -18.47 -7.09 24.10
N SER C 55 -18.47 -7.10 24.09
CA SER C 55 -19.26 -5.92 24.44
CA SER C 55 -19.27 -5.92 24.42
C SER C 55 -18.33 -4.73 24.59
C SER C 55 -18.35 -4.72 24.63
N GLY C 56 -18.81 -3.54 24.24
CA GLY C 56 -17.98 -2.36 24.28
C GLY C 56 -17.38 -2.07 22.92
N ILE C 57 -17.36 -3.08 22.04
CA ILE C 57 -16.81 -2.90 20.69
C ILE C 57 -17.91 -2.49 19.72
N PRO C 58 -17.68 -1.41 18.94
CA PRO C 58 -18.68 -0.90 18.02
C PRO C 58 -19.14 -1.93 16.99
N GLU C 59 -20.41 -1.84 16.60
CA GLU C 59 -20.96 -2.79 15.64
C GLU C 59 -20.30 -2.63 14.27
N ARG C 60 -19.52 -1.57 14.09
N ARG C 60 -19.52 -1.57 14.11
CA ARG C 60 -18.79 -1.35 12.84
CA ARG C 60 -18.78 -1.32 12.87
C ARG C 60 -17.75 -2.45 12.59
C ARG C 60 -17.70 -2.37 12.62
N PHE C 61 -17.31 -3.10 13.67
CA PHE C 61 -16.33 -4.20 13.57
C PHE C 61 -17.01 -5.55 13.33
N SER C 62 -16.55 -6.29 12.31
CA SER C 62 -17.04 -7.64 12.08
C SER C 62 -15.92 -8.52 11.53
N GLY C 63 -16.10 -9.83 11.58
CA GLY C 63 -15.09 -10.72 11.03
C GLY C 63 -15.65 -12.03 10.50
N SER C 64 -14.84 -12.73 9.72
CA SER C 64 -15.18 -14.08 9.28
C SER C 64 -13.91 -14.88 9.03
N ASN C 65 -14.07 -16.20 8.87
CA ASN C 65 -12.91 -17.05 8.66
C ASN C 65 -13.28 -18.24 7.79
N SER C 66 -12.49 -18.51 6.75
CA SER C 66 -12.84 -19.56 5.79
C SER C 66 -11.63 -19.96 4.94
N GLY C 67 -11.47 -21.26 4.70
CA GLY C 67 -10.41 -21.75 3.85
C GLY C 67 -9.04 -21.48 4.44
N ASN C 68 -8.30 -20.56 3.84
CA ASN C 68 -7.00 -20.20 4.38
C ASN C 68 -6.93 -18.74 4.82
N THR C 69 -8.08 -18.06 4.84
CA THR C 69 -8.12 -16.63 5.17
C THR C 69 -9.23 -16.18 6.15
N ALA C 70 -8.82 -15.42 7.16
CA ALA C 70 -9.71 -14.74 8.09
C ALA C 70 -9.72 -13.26 7.70
N THR C 71 -10.87 -12.61 7.86
N THR C 71 -10.86 -12.60 7.82
CA THR C 71 -11.03 -11.21 7.43
CA THR C 71 -10.89 -11.18 7.54
C THR C 71 -11.69 -10.34 8.50
C THR C 71 -11.55 -10.43 8.65
N LEU C 72 -11.06 -9.21 8.85
CA LEU C 72 -11.66 -8.28 9.78
C LEU C 72 -12.16 -7.11 8.94
N THR C 73 -13.41 -6.70 9.15
CA THR C 73 -13.94 -5.58 8.40
C THR C 73 -14.41 -4.46 9.32
N ILE C 74 -13.99 -3.23 9.00
CA ILE C 74 -14.44 -2.05 9.75
C ILE C 74 -15.22 -1.16 8.81
N SER C 75 -16.51 -1.08 9.00
CA SER C 75 -17.34 -0.23 8.17
C SER C 75 -17.31 1.17 8.77
N GLY C 76 -17.56 2.18 7.96
CA GLY C 76 -17.58 3.56 8.42
C GLY C 76 -16.39 3.89 9.29
N THR C 77 -15.19 3.70 8.76
N THR C 77 -15.19 3.66 8.77
CA THR C 77 -13.96 3.84 9.54
CA THR C 77 -13.96 3.79 9.54
C THR C 77 -13.76 5.24 10.14
C THR C 77 -13.82 5.19 10.15
N GLN C 78 -13.41 5.29 11.42
N GLN C 78 -13.33 5.25 11.38
CA GLN C 78 -13.18 6.55 12.13
CA GLN C 78 -13.11 6.51 12.08
C GLN C 78 -11.70 6.71 12.48
C GLN C 78 -11.63 6.71 12.35
N ALA C 79 -11.25 7.95 12.64
CA ALA C 79 -9.87 8.23 12.99
C ALA C 79 -9.42 7.45 14.22
N MET C 80 -10.35 7.18 15.14
N MET C 80 -10.33 7.21 15.16
CA MET C 80 -10.06 6.45 16.38
CA MET C 80 -10.00 6.46 16.37
C MET C 80 -9.86 4.95 16.15
C MET C 80 -9.62 5.02 16.06
N ASP C 81 -10.05 4.51 14.91
CA ASP C 81 -9.78 3.12 14.53
C ASP C 81 -8.35 2.94 14.03
N GLU C 82 -7.65 4.06 13.78
CA GLU C 82 -6.26 3.97 13.34
C GLU C 82 -5.41 3.30 14.42
N ALA C 83 -4.74 2.22 14.01
CA ALA C 83 -4.01 1.35 14.92
C ALA C 83 -3.35 0.25 14.10
N ASP C 84 -2.53 -0.55 14.76
CA ASP C 84 -2.05 -1.81 14.20
C ASP C 84 -3.09 -2.86 14.56
N TYR C 85 -3.36 -3.78 13.62
CA TYR C 85 -4.27 -4.89 13.86
C TYR C 85 -3.56 -6.23 13.65
N TYR C 86 -3.67 -7.10 14.64
CA TYR C 86 -3.00 -8.41 14.63
C TYR C 86 -3.99 -9.55 14.70
N CYS C 87 -3.87 -10.51 13.78
N CYS C 87 -3.82 -10.52 13.81
CA CYS C 87 -4.65 -11.72 13.88
CA CYS C 87 -4.62 -11.74 13.79
C CYS C 87 -3.87 -12.81 14.60
C CYS C 87 -3.88 -12.91 14.43
N GLN C 88 -4.62 -13.73 15.21
CA GLN C 88 -4.05 -14.87 15.88
C GLN C 88 -5.04 -15.97 15.64
N ALA C 89 -4.58 -17.22 15.73
CA ALA C 89 -5.48 -18.33 15.52
C ALA C 89 -5.24 -19.39 16.58
N ALA C 90 -6.32 -19.90 17.14
CA ALA C 90 -6.26 -20.83 18.26
C ALA C 90 -6.89 -22.16 17.87
N ASP C 91 -6.29 -23.25 18.36
CA ASP C 91 -6.83 -24.58 18.16
C ASP C 91 -7.48 -25.06 19.45
N SER C 92 -7.30 -24.28 20.51
CA SER C 92 -7.80 -24.65 21.84
C SER C 92 -7.29 -26.03 22.23
N SER C 93 -6.15 -26.40 21.64
CA SER C 93 -5.48 -27.66 21.94
C SER C 93 -3.99 -27.49 21.66
N THR C 94 -3.70 -26.75 20.58
CA THR C 94 -2.32 -26.46 20.23
C THR C 94 -1.97 -25.01 20.54
N ALA C 95 -0.72 -24.64 20.29
CA ALA C 95 -0.28 -23.28 20.55
C ALA C 95 -0.84 -22.32 19.51
N VAL C 96 -1.24 -21.15 19.98
CA VAL C 96 -1.66 -20.05 19.13
C VAL C 96 -0.61 -19.81 18.05
N VAL C 97 -1.05 -19.41 16.85
CA VAL C 97 -0.16 -18.93 15.79
C VAL C 97 -0.53 -17.47 15.47
N PHE C 98 0.45 -16.68 15.03
CA PHE C 98 0.28 -15.23 15.02
C PHE C 98 0.53 -14.63 13.65
N GLY C 99 -0.17 -13.54 13.35
CA GLY C 99 0.11 -12.74 12.17
C GLY C 99 1.08 -11.60 12.49
N GLY C 100 1.61 -10.98 11.44
CA GLY C 100 2.63 -9.96 11.58
C GLY C 100 2.13 -8.54 11.77
N GLY C 101 0.81 -8.36 11.66
CA GLY C 101 0.21 -7.06 11.91
C GLY C 101 0.01 -6.21 10.67
N THR C 102 -1.06 -5.42 10.69
CA THR C 102 -1.39 -4.52 9.58
C THR C 102 -1.57 -3.12 10.17
N LYS C 103 -0.86 -2.14 9.62
CA LYS C 103 -1.07 -0.75 9.98
C LYS C 103 -2.27 -0.20 9.24
N LEU C 104 -3.32 0.18 9.98
CA LEU C 104 -4.46 0.86 9.39
C LEU C 104 -4.31 2.36 9.56
N THR C 105 -4.25 3.06 8.43
N THR C 105 -4.25 3.07 8.45
CA THR C 105 -4.23 4.52 8.43
CA THR C 105 -4.21 4.53 8.51
C THR C 105 -5.55 5.08 7.96
C THR C 105 -5.50 5.11 7.95
N VAL C 106 -6.09 6.03 8.70
CA VAL C 106 -7.30 6.69 8.27
C VAL C 106 -6.88 8.07 7.74
N LEU C 107 -6.82 8.14 6.41
CA LEU C 107 -6.30 9.27 5.64
C LEU C 107 -4.88 8.99 5.15
N TYR D 2 0.82 17.01 11.27
CA TYR D 2 2.21 16.86 10.84
C TYR D 2 2.52 17.72 9.62
N GLU D 3 3.48 18.64 9.78
CA GLU D 3 3.76 19.65 8.77
C GLU D 3 4.39 19.06 7.50
N LEU D 4 5.08 17.94 7.64
CA LEU D 4 5.64 17.23 6.50
C LEU D 4 4.82 15.97 6.24
N THR D 5 4.63 15.62 4.98
N THR D 5 4.66 15.62 4.97
CA THR D 5 3.80 14.47 4.63
CA THR D 5 3.85 14.48 4.60
C THR D 5 4.61 13.30 4.06
C THR D 5 4.74 13.33 4.15
N GLN D 6 4.48 12.15 4.71
CA GLN D 6 5.16 10.93 4.31
C GLN D 6 4.09 9.88 4.02
N PRO D 7 4.38 8.95 3.10
CA PRO D 7 3.44 7.83 2.89
C PRO D 7 3.36 7.03 4.17
N PRO D 8 2.19 6.47 4.50
CA PRO D 8 2.06 5.69 5.72
C PRO D 8 2.88 4.41 5.72
N SER D 9 3.11 3.86 4.53
N SER D 9 3.11 3.86 4.53
CA SER D 9 3.82 2.59 4.42
CA SER D 9 3.84 2.60 4.42
C SER D 9 4.58 2.47 3.11
C SER D 9 4.59 2.48 3.11
N VAL D 10 5.67 1.72 3.14
CA VAL D 10 6.39 1.32 1.94
C VAL D 10 6.75 -0.15 2.13
N SER D 11 6.52 -0.96 1.10
CA SER D 11 6.85 -2.36 1.19
C SER D 11 7.75 -2.75 0.00
N VAL D 12 8.73 -3.60 0.25
CA VAL D 12 9.58 -4.16 -0.80
C VAL D 12 9.97 -5.60 -0.52
N SER D 13 10.36 -6.32 -1.56
CA SER D 13 10.91 -7.65 -1.41
C SER D 13 12.39 -7.55 -1.06
N PRO D 14 12.96 -8.58 -0.42
CA PRO D 14 14.36 -8.50 0.00
C PRO D 14 15.31 -8.23 -1.17
N GLY D 15 16.28 -7.36 -0.94
CA GLY D 15 17.25 -7.03 -1.96
C GLY D 15 16.84 -5.89 -2.88
N GLN D 16 15.57 -5.50 -2.82
N GLN D 16 15.56 -5.51 -2.82
CA GLN D 16 15.06 -4.42 -3.67
CA GLN D 16 15.06 -4.41 -3.64
C GLN D 16 15.14 -3.06 -3.00
C GLN D 16 15.43 -3.08 -3.02
N THR D 17 15.31 -2.02 -3.82
CA THR D 17 15.50 -0.67 -3.34
C THR D 17 14.19 -0.07 -2.85
N ALA D 18 14.23 0.46 -1.62
CA ALA D 18 13.08 1.11 -1.03
C ALA D 18 13.32 2.61 -1.03
N SER D 19 12.28 3.40 -1.25
N SER D 19 12.28 3.39 -1.25
CA SER D 19 12.39 4.85 -1.20
CA SER D 19 12.41 4.84 -1.17
C SER D 19 11.25 5.42 -0.38
C SER D 19 11.25 5.42 -0.38
N ILE D 20 11.56 6.39 0.48
CA ILE D 20 10.56 7.00 1.36
C ILE D 20 10.64 8.51 1.13
N THR D 21 9.49 9.12 0.92
CA THR D 21 9.41 10.54 0.60
C THR D 21 8.89 11.35 1.76
N CYS D 22 9.19 12.64 1.70
CA CYS D 22 8.86 13.58 2.75
C CYS D 22 8.63 14.91 2.08
N SER D 23 7.39 15.41 2.10
CA SER D 23 7.13 16.65 1.37
C SER D 23 6.43 17.74 2.20
N GLY D 24 6.64 18.97 1.76
CA GLY D 24 6.10 20.15 2.41
C GLY D 24 6.94 21.31 1.92
N ASP D 25 6.54 22.53 2.23
CA ASP D 25 7.36 23.68 1.83
C ASP D 25 7.75 24.56 3.00
N LYS D 26 8.88 25.23 2.87
CA LYS D 26 9.73 25.05 1.68
C LYS D 26 10.86 24.07 1.96
N LEU D 27 10.50 22.80 2.13
CA LEU D 27 11.43 21.74 2.51
C LEU D 27 12.83 21.93 1.90
N GLY D 28 12.87 22.21 0.59
CA GLY D 28 14.13 22.48 -0.09
C GLY D 28 14.94 23.58 0.56
N ASP D 29 14.28 24.43 1.35
CA ASP D 29 14.94 25.55 2.03
C ASP D 29 15.39 25.23 3.46
N LYS D 30 15.04 24.04 3.94
CA LYS D 30 15.55 23.54 5.22
C LYS D 30 16.48 22.36 4.96
N TYR D 31 17.04 21.79 6.03
CA TYR D 31 17.83 20.58 5.90
C TYR D 31 17.02 19.39 6.41
N ALA D 32 17.07 18.28 5.68
CA ALA D 32 16.29 17.10 6.04
C ALA D 32 17.10 16.12 6.88
N TYR D 33 16.44 15.50 7.87
CA TYR D 33 17.11 14.52 8.71
C TYR D 33 16.18 13.32 8.79
N TRP D 34 16.76 12.12 8.77
CA TRP D 34 15.97 10.90 8.69
C TRP D 34 16.31 9.99 9.86
N TYR D 35 15.30 9.59 10.61
CA TYR D 35 15.47 8.69 11.74
C TYR D 35 14.82 7.34 11.48
N GLN D 36 15.60 6.29 11.76
CA GLN D 36 15.12 4.92 11.74
C GLN D 36 14.67 4.56 13.15
N GLN D 37 13.39 4.20 13.27
N GLN D 37 13.40 4.22 13.34
CA GLN D 37 12.79 3.91 14.55
CA GLN D 37 12.95 3.94 14.70
C GLN D 37 12.21 2.51 14.54
C GLN D 37 12.15 2.65 14.78
N LYS D 38 12.78 1.63 15.35
CA LYS D 38 12.16 0.34 15.60
C LYS D 38 11.40 0.44 16.90
N PRO D 39 10.22 -0.17 16.95
CA PRO D 39 9.39 -0.08 18.15
C PRO D 39 10.20 -0.49 19.37
N GLY D 40 10.22 0.37 20.38
CA GLY D 40 10.86 0.06 21.65
C GLY D 40 12.37 0.10 21.62
N GLN D 41 12.93 0.73 20.60
CA GLN D 41 14.38 0.84 20.48
C GLN D 41 14.77 2.28 20.21
N SER D 42 16.04 2.60 20.43
CA SER D 42 16.47 3.98 20.27
C SER D 42 16.39 4.36 18.80
N PRO D 43 15.94 5.59 18.52
CA PRO D 43 15.94 6.06 17.14
C PRO D 43 17.39 6.17 16.70
N VAL D 44 17.63 5.97 15.41
CA VAL D 44 18.98 6.05 14.86
C VAL D 44 18.93 7.05 13.75
N LEU D 45 19.85 8.02 13.77
CA LEU D 45 19.93 8.97 12.68
C LEU D 45 20.63 8.29 11.51
N VAL D 46 19.96 8.16 10.36
CA VAL D 46 20.56 7.46 9.22
C VAL D 46 21.02 8.38 8.08
N ILE D 47 20.40 9.55 7.97
CA ILE D 47 20.82 10.58 7.01
C ILE D 47 20.63 11.93 7.68
N TYR D 48 21.62 12.81 7.56
CA TYR D 48 21.50 14.16 8.09
C TYR D 48 21.89 15.19 7.05
N GLN D 49 21.40 16.41 7.22
CA GLN D 49 21.69 17.51 6.30
C GLN D 49 21.48 17.09 4.86
N ASP D 50 20.28 16.56 4.60
CA ASP D 50 19.82 16.17 3.28
C ASP D 50 20.37 14.85 2.80
N SER D 51 21.70 14.72 2.79
CA SER D 51 22.34 13.66 2.04
C SER D 51 23.56 13.02 2.71
N LYS D 52 23.86 13.42 3.94
CA LYS D 52 25.07 12.92 4.56
C LYS D 52 24.80 11.71 5.43
N ARG D 53 25.73 10.76 5.40
N ARG D 53 25.76 10.79 5.46
CA ARG D 53 25.63 9.53 6.20
CA ARG D 53 25.62 9.54 6.18
C ARG D 53 26.55 9.59 7.41
C ARG D 53 26.56 9.48 7.39
N PRO D 54 26.00 9.34 8.60
CA PRO D 54 26.83 9.22 9.80
C PRO D 54 27.66 7.94 9.77
N SER D 55 28.81 7.95 10.45
N SER D 55 28.81 7.94 10.44
CA SER D 55 29.61 6.74 10.59
CA SER D 55 29.63 6.74 10.53
C SER D 55 28.76 5.63 11.17
C SER D 55 28.83 5.64 11.20
N GLY D 56 29.01 4.41 10.74
CA GLY D 56 28.33 3.25 11.28
C GLY D 56 27.07 2.87 10.51
N ILE D 57 26.55 3.81 9.73
CA ILE D 57 25.35 3.57 8.95
C ILE D 57 25.77 2.91 7.63
N PRO D 58 25.06 1.84 7.22
CA PRO D 58 25.46 1.16 5.98
C PRO D 58 25.38 2.07 4.77
N GLU D 59 26.26 1.86 3.80
CA GLU D 59 26.31 2.72 2.64
C GLU D 59 25.08 2.59 1.74
N ARG D 60 24.22 1.61 2.05
CA ARG D 60 22.99 1.40 1.30
C ARG D 60 22.00 2.54 1.52
N PHE D 61 22.21 3.32 2.57
CA PHE D 61 21.34 4.45 2.87
C PHE D 61 21.79 5.71 2.15
N SER D 62 20.89 6.37 1.44
CA SER D 62 21.21 7.65 0.85
C SER D 62 20.01 8.57 0.94
N GLY D 63 20.23 9.86 0.72
CA GLY D 63 19.13 10.79 0.77
C GLY D 63 19.36 12.00 -0.10
N SER D 64 18.28 12.69 -0.44
CA SER D 64 18.42 13.97 -1.12
C SER D 64 17.24 14.89 -0.81
N ASN D 65 17.40 16.18 -1.11
CA ASN D 65 16.34 17.14 -0.83
C ASN D 65 16.29 18.15 -1.96
N SER D 66 15.14 18.23 -2.61
CA SER D 66 14.97 19.15 -3.72
C SER D 66 13.55 19.67 -3.79
N GLY D 67 13.42 20.99 -3.94
CA GLY D 67 12.12 21.62 -4.02
C GLY D 67 11.30 21.43 -2.75
N ASN D 68 10.24 20.64 -2.86
CA ASN D 68 9.34 20.43 -1.74
C ASN D 68 9.39 19.00 -1.23
N THR D 69 10.40 18.25 -1.65
CA THR D 69 10.43 16.83 -1.32
C THR D 69 11.82 16.28 -1.02
N ALA D 70 11.95 15.69 0.16
CA ALA D 70 13.14 14.97 0.56
C ALA D 70 12.88 13.48 0.42
N THR D 71 13.90 12.74 -0.02
N THR D 71 13.88 12.75 -0.06
CA THR D 71 13.73 11.32 -0.31
CA THR D 71 13.73 11.31 -0.24
C THR D 71 14.87 10.49 0.31
C THR D 71 14.86 10.54 0.41
N LEU D 72 14.51 9.45 1.07
CA LEU D 72 15.48 8.52 1.64
C LEU D 72 15.46 7.28 0.74
N THR D 73 16.62 6.80 0.34
CA THR D 73 16.67 5.57 -0.44
C THR D 73 17.52 4.53 0.27
N ILE D 74 17.01 3.31 0.31
CA ILE D 74 17.73 2.17 0.86
C ILE D 74 17.89 1.14 -0.24
N SER D 75 19.12 0.99 -0.74
CA SER D 75 19.33 0.00 -1.78
C SER D 75 19.51 -1.37 -1.11
N GLY D 76 19.20 -2.42 -1.84
CA GLY D 76 19.40 -3.78 -1.35
C GLY D 76 18.84 -4.00 0.04
N THR D 77 17.57 -3.63 0.22
N THR D 77 17.57 -3.65 0.22
CA THR D 77 16.96 -3.67 1.55
CA THR D 77 16.96 -3.61 1.55
C THR D 77 17.17 -5.01 2.24
C THR D 77 17.04 -4.97 2.28
N GLN D 78 17.55 -4.94 3.51
CA GLN D 78 17.70 -6.14 4.34
C GLN D 78 16.59 -6.14 5.40
N ALA D 79 16.23 -7.32 5.90
CA ALA D 79 15.15 -7.37 6.91
C ALA D 79 15.52 -6.55 8.14
N MET D 80 16.83 -6.43 8.38
CA MET D 80 17.41 -5.52 9.35
C MET D 80 16.85 -4.10 9.24
N ASP D 81 16.46 -3.71 8.03
CA ASP D 81 16.03 -2.34 7.74
C ASP D 81 14.56 -2.07 8.05
N GLU D 82 13.81 -3.14 8.32
CA GLU D 82 12.40 -3.01 8.64
C GLU D 82 12.23 -2.18 9.91
N ALA D 83 11.46 -1.09 9.81
CA ALA D 83 11.39 -0.07 10.85
C ALA D 83 10.43 1.02 10.45
N ASP D 84 10.13 1.93 11.37
CA ASP D 84 9.45 3.18 11.02
C ASP D 84 10.53 4.21 10.72
N TYR D 85 10.32 5.00 9.67
CA TYR D 85 11.25 6.05 9.28
C TYR D 85 10.62 7.41 9.37
N TYR D 86 11.30 8.33 10.05
CA TYR D 86 10.77 9.66 10.28
C TYR D 86 11.65 10.74 9.68
N CYS D 87 11.06 11.64 8.90
N CYS D 87 11.02 11.66 8.95
CA CYS D 87 11.81 12.79 8.43
CA CYS D 87 11.70 12.82 8.37
C CYS D 87 11.55 14.00 9.32
C CYS D 87 11.50 14.06 9.26
N GLN D 88 12.56 14.86 9.41
CA GLN D 88 12.47 16.14 10.13
C GLN D 88 13.23 17.18 9.35
N ALA D 89 12.79 18.44 9.40
CA ALA D 89 13.52 19.50 8.70
C ALA D 89 13.88 20.59 9.68
N ALA D 90 15.11 21.05 9.62
CA ALA D 90 15.63 22.06 10.53
C ALA D 90 16.57 23.01 9.81
N ASP D 91 16.35 24.30 9.96
CA ASP D 91 17.24 25.29 9.36
C ASP D 91 18.10 25.99 10.40
N SER D 92 17.62 26.00 11.65
CA SER D 92 18.32 26.66 12.75
C SER D 92 18.67 28.11 12.42
N SER D 93 17.91 29.03 13.01
CA SER D 93 16.91 28.61 13.98
C SER D 93 15.45 28.75 13.53
N THR D 94 14.74 27.65 13.69
CA THR D 94 13.28 27.58 13.58
C THR D 94 12.97 26.30 14.31
N ALA D 95 11.78 26.18 14.88
CA ALA D 95 11.39 24.92 15.47
C ALA D 95 11.38 23.89 14.34
N VAL D 96 12.11 22.81 14.51
CA VAL D 96 12.10 21.77 13.49
C VAL D 96 10.67 21.36 13.19
N VAL D 97 10.43 20.95 11.94
CA VAL D 97 9.13 20.43 11.51
C VAL D 97 9.26 18.93 11.30
N PHE D 98 8.15 18.21 11.43
CA PHE D 98 8.17 16.75 11.49
C PHE D 98 7.20 16.11 10.51
N GLY D 99 7.61 14.97 9.95
CA GLY D 99 6.70 14.13 9.21
C GLY D 99 6.10 13.05 10.09
N GLY D 100 5.04 12.41 9.60
CA GLY D 100 4.26 11.49 10.40
C GLY D 100 4.78 10.06 10.42
N GLY D 101 5.86 9.81 9.68
CA GLY D 101 6.48 8.50 9.68
C GLY D 101 5.96 7.53 8.62
N THR D 102 6.85 6.63 8.22
CA THR D 102 6.56 5.61 7.23
C THR D 102 7.00 4.26 7.78
N LYS D 103 6.08 3.29 7.79
CA LYS D 103 6.41 1.91 8.14
C LYS D 103 7.01 1.21 6.92
N LEU D 104 8.25 0.79 7.03
CA LEU D 104 8.91 0.02 5.97
C LEU D 104 8.85 -1.46 6.30
N THR D 105 8.26 -2.24 5.40
N THR D 105 8.26 -2.25 5.41
CA THR D 105 8.19 -3.68 5.55
CA THR D 105 8.22 -3.70 5.60
C THR D 105 8.95 -4.39 4.42
C THR D 105 8.88 -4.42 4.43
N VAL D 106 9.54 -5.53 4.74
CA VAL D 106 10.23 -6.33 3.74
C VAL D 106 9.49 -7.64 3.51
N LEU D 107 8.76 -7.72 2.40
CA LEU D 107 8.03 -8.90 1.94
C LEU D 107 6.71 -8.57 1.24
#